data_9ENY
#
_entry.id   9ENY
#
_cell.length_a   75.950
_cell.length_b   80.710
_cell.length_c   104.550
_cell.angle_alpha   90.000
_cell.angle_beta   90.000
_cell.angle_gamma   90.000
#
_symmetry.space_group_name_H-M   'P 21 21 21'
#
loop_
_entity.id
_entity.type
_entity.pdbx_description
1 polymer beta-lactamase
2 non-polymer '4-(2-HYDROXYETHYL)-1-PIPERAZINE ETHANESULFONIC ACID'
3 non-polymer MALONALDEHYDE
4 non-polymer 'tazobactam (2S,3S,5R)'
5 water water
#
_entity_poly.entity_id   1
_entity_poly.type   'polypeptide(L)'
_entity_poly.pdbx_seq_one_letter_code
;MAHHHHHHSSGLEVLFQGPASEKLTFKTDLEKLEREKAAQIGVAIVDPQGEIVAGHRMAQRFAMCSTFKFPLAALVFERI
DSGTERGDRKLSYGPDMIVEWSPATERFLASGHMTVLEAAQAAVQLSDNGATNLLLREIGGPAAMTQYFRKIGDSVSRLD
RKEPEMGDNTPGDLRDTTTPIAMARTVAKVLYGGALTSTSTHTIERWLIGNQTGDATLRAGFPKDWVVGEKTGTCANGGR
NDIGFFKAQERDYAVAVYTTAPKLSAVERDELVASVGQVITQLILSTDK
;
_entity_poly.pdbx_strand_id   A,B
#
# COMPACT_ATOMS: atom_id res chain seq x y z
N ALA A 20 -31.66 -25.87 -8.02
CA ALA A 20 -31.44 -26.34 -9.38
C ALA A 20 -31.73 -25.25 -10.42
N SER A 21 -32.88 -24.58 -10.31
CA SER A 21 -33.14 -23.45 -11.19
C SER A 21 -32.12 -22.33 -10.97
N GLU A 22 -31.65 -22.15 -9.73
CA GLU A 22 -30.65 -21.12 -9.47
C GLU A 22 -29.31 -21.49 -10.09
N LYS A 23 -28.95 -22.77 -10.07
CA LYS A 23 -27.73 -23.18 -10.75
C LYS A 23 -27.86 -23.01 -12.25
N LEU A 24 -29.04 -23.28 -12.81
CA LEU A 24 -29.26 -23.03 -14.23
C LEU A 24 -29.10 -21.56 -14.57
N THR A 25 -29.64 -20.66 -13.75
CA THR A 25 -29.47 -19.24 -14.02
C THR A 25 -28.00 -18.84 -13.98
N PHE A 26 -27.26 -19.38 -13.01
CA PHE A 26 -25.82 -19.14 -12.89
C PHE A 26 -25.09 -19.60 -14.15
N LYS A 27 -25.34 -20.85 -14.57
CA LYS A 27 -24.69 -21.35 -15.79
C LYS A 27 -25.08 -20.51 -16.99
N THR A 28 -26.39 -20.30 -17.18
CA THR A 28 -26.86 -19.56 -18.34
C THR A 28 -26.26 -18.15 -18.39
N ASP A 29 -26.19 -17.48 -17.24
CA ASP A 29 -25.74 -16.09 -17.24
C ASP A 29 -24.24 -15.99 -17.48
N LEU A 30 -23.46 -16.94 -16.99
CA LEU A 30 -22.04 -16.99 -17.34
C LEU A 30 -21.84 -17.28 -18.82
N GLU A 31 -22.65 -18.18 -19.38
CA GLU A 31 -22.48 -18.55 -20.78
C GLU A 31 -22.87 -17.41 -21.71
N LYS A 32 -23.81 -16.57 -21.29
CA LYS A 32 -24.14 -15.38 -22.06
C LYS A 32 -22.95 -14.42 -22.11
N LEU A 33 -22.31 -14.19 -20.95
CA LEU A 33 -21.11 -13.37 -20.94
C LEU A 33 -20.02 -13.99 -21.82
N GLU A 34 -19.83 -15.30 -21.70
CA GLU A 34 -18.82 -15.96 -22.53
C GLU A 34 -19.08 -15.73 -24.02
N ARG A 35 -20.31 -15.98 -24.47
CA ARG A 35 -20.61 -15.84 -25.89
C ARG A 35 -20.48 -14.39 -26.36
N GLU A 36 -21.03 -13.45 -25.59
CA GLU A 36 -21.07 -12.07 -26.05
C GLU A 36 -19.69 -11.43 -25.98
N LYS A 37 -18.85 -11.88 -25.05
CA LYS A 37 -17.53 -11.29 -24.87
C LYS A 37 -16.43 -12.11 -25.54
N ALA A 38 -16.77 -13.24 -26.16
CA ALA A 38 -15.79 -14.18 -26.72
C ALA A 38 -14.75 -14.56 -25.68
N ALA A 39 -15.25 -15.04 -24.54
CA ALA A 39 -14.45 -15.26 -23.36
C ALA A 39 -14.73 -16.65 -22.80
N GLN A 40 -13.79 -17.17 -22.03
CA GLN A 40 -14.06 -18.35 -21.21
C GLN A 40 -13.94 -17.96 -19.76
N ILE A 41 -14.88 -18.45 -18.95
CA ILE A 41 -14.99 -18.12 -17.54
C ILE A 41 -14.91 -19.40 -16.72
N GLY A 42 -13.85 -19.51 -15.92
CA GLY A 42 -13.73 -20.59 -14.95
C GLY A 42 -14.05 -20.07 -13.56
N VAL A 43 -14.96 -20.76 -12.88
CA VAL A 43 -15.39 -20.35 -11.54
C VAL A 43 -15.57 -21.59 -10.66
N ALA A 44 -15.09 -21.49 -9.43
CA ALA A 44 -15.49 -22.44 -8.41
C ALA A 44 -15.76 -21.68 -7.13
N ILE A 45 -16.88 -22.00 -6.49
CA ILE A 45 -17.21 -21.51 -5.17
C ILE A 45 -17.36 -22.72 -4.27
N VAL A 46 -16.69 -22.69 -3.12
CA VAL A 46 -16.74 -23.79 -2.17
C VAL A 46 -17.00 -23.27 -0.76
N ASP A 47 -17.54 -24.14 0.07
CA ASP A 47 -17.74 -23.85 1.48
C ASP A 47 -16.42 -24.03 2.25
N PRO A 48 -16.39 -23.68 3.53
CA PRO A 48 -15.11 -23.73 4.27
C PRO A 48 -14.43 -25.08 4.24
N GLN A 49 -15.17 -26.16 4.03
CA GLN A 49 -14.61 -27.52 3.97
C GLN A 49 -14.26 -27.95 2.56
N GLY A 50 -14.45 -27.10 1.56
CA GLY A 50 -14.14 -27.45 0.19
C GLY A 50 -15.28 -28.09 -0.58
N GLU A 51 -16.47 -28.21 0.01
CA GLU A 51 -17.60 -28.75 -0.72
C GLU A 51 -18.10 -27.72 -1.73
N ILE A 52 -18.44 -28.20 -2.93
CA ILE A 52 -18.77 -27.30 -4.04
C ILE A 52 -20.14 -26.68 -3.82
N VAL A 53 -20.19 -25.36 -3.92
CA VAL A 53 -21.44 -24.61 -3.98
C VAL A 53 -21.91 -24.44 -5.42
N ALA A 54 -21.00 -24.05 -6.31
CA ALA A 54 -21.32 -23.91 -7.73
C ALA A 54 -20.02 -23.77 -8.48
N GLY A 55 -20.09 -23.97 -9.80
CA GLY A 55 -18.92 -23.74 -10.62
C GLY A 55 -19.23 -23.80 -12.09
N HIS A 56 -18.22 -23.44 -12.88
CA HIS A 56 -18.30 -23.38 -14.33
C HIS A 56 -16.90 -23.59 -14.88
N ARG A 57 -16.75 -24.49 -15.84
CA ARG A 57 -15.44 -24.87 -16.35
C ARG A 57 -14.47 -25.12 -15.19
N MET A 58 -14.96 -25.78 -14.14
CA MET A 58 -14.22 -25.68 -12.89
C MET A 58 -12.97 -26.54 -12.88
N ALA A 59 -12.85 -27.47 -13.82
CA ALA A 59 -11.65 -28.30 -13.91
C ALA A 59 -10.87 -28.05 -15.19
N GLN A 60 -11.17 -26.96 -15.90
CA GLN A 60 -10.32 -26.47 -16.98
C GLN A 60 -9.11 -25.77 -16.39
N ARG A 61 -7.94 -26.04 -16.97
CA ARG A 61 -6.74 -25.37 -16.48
C ARG A 61 -6.68 -23.95 -17.03
N PHE A 62 -6.27 -23.01 -16.17
CA PHE A 62 -6.03 -21.63 -16.55
C PHE A 62 -4.72 -21.15 -15.95
N ALA A 63 -4.04 -20.25 -16.64
CA ALA A 63 -2.84 -19.65 -16.07
C ALA A 63 -3.17 -18.96 -14.77
N MET A 64 -2.31 -19.16 -13.74
CA MET A 64 -2.58 -18.55 -12.44
C MET A 64 -2.32 -17.05 -12.47
N CYS A 65 -1.35 -16.61 -13.26
CA CYS A 65 -0.95 -15.20 -13.21
C CYS A 65 -0.60 -14.88 -11.77
N SER A 66 -0.85 -13.65 -11.33
CA SER A 66 -0.41 -13.27 -9.99
C SER A 66 -1.22 -13.90 -8.89
N THR A 67 -2.27 -14.66 -9.18
CA THR A 67 -3.04 -15.24 -8.09
C THR A 67 -2.20 -16.14 -7.21
N PHE A 68 -1.11 -16.73 -7.74
CA PHE A 68 -0.33 -17.64 -6.92
C PHE A 68 0.37 -16.93 -5.76
N LYS A 69 0.40 -15.59 -5.76
CA LYS A 69 1.12 -14.86 -4.72
C LYS A 69 0.43 -14.97 -3.36
N PHE A 70 -0.89 -15.26 -3.37
CA PHE A 70 -1.61 -15.58 -2.14
C PHE A 70 -1.11 -16.91 -1.57
N PRO A 71 -1.12 -18.02 -2.32
CA PRO A 71 -0.48 -19.24 -1.81
C PRO A 71 0.99 -19.08 -1.43
N LEU A 72 1.75 -18.27 -2.18
CA LEU A 72 3.14 -18.01 -1.80
C LEU A 72 3.22 -17.40 -0.41
N ALA A 73 2.35 -16.44 -0.14
CA ALA A 73 2.36 -15.84 1.19
C ALA A 73 1.94 -16.86 2.26
N ALA A 74 0.96 -17.72 1.95
CA ALA A 74 0.60 -18.79 2.87
C ALA A 74 1.80 -19.67 3.18
N LEU A 75 2.58 -20.05 2.16
CA LEU A 75 3.81 -20.82 2.38
C LEU A 75 4.77 -20.08 3.31
N VAL A 76 4.99 -18.79 3.05
CA VAL A 76 5.84 -17.99 3.93
C VAL A 76 5.33 -18.03 5.36
N PHE A 77 4.01 -17.82 5.57
CA PHE A 77 3.47 -17.86 6.91
C PHE A 77 3.63 -19.24 7.55
N GLU A 78 3.45 -20.30 6.76
CA GLU A 78 3.66 -21.64 7.30
C GLU A 78 5.08 -21.83 7.79
N ARG A 79 6.05 -21.33 7.03
CA ARG A 79 7.44 -21.40 7.46
C ARG A 79 7.67 -20.54 8.70
N ILE A 80 7.03 -19.38 8.79
CA ILE A 80 7.14 -18.60 10.01
C ILE A 80 6.56 -19.37 11.19
N ASP A 81 5.35 -19.92 11.01
CA ASP A 81 4.72 -20.72 12.05
C ASP A 81 5.63 -21.87 12.50
N SER A 82 6.27 -22.54 11.54
CA SER A 82 7.07 -23.72 11.83
C SER A 82 8.47 -23.40 12.32
N GLY A 83 8.89 -22.14 12.21
CA GLY A 83 10.21 -21.73 12.65
C GLY A 83 11.30 -21.86 11.61
N THR A 84 10.96 -22.09 10.35
CA THR A 84 11.98 -22.19 9.30
C THR A 84 12.19 -20.87 8.57
N GLU A 85 11.42 -19.84 8.90
CA GLU A 85 11.57 -18.51 8.36
C GLU A 85 11.20 -17.54 9.49
N ARG A 86 11.71 -16.32 9.39
CA ARG A 86 11.32 -15.26 10.32
C ARG A 86 10.80 -14.10 9.50
N GLY A 87 9.69 -13.52 9.96
CA GLY A 87 9.07 -12.43 9.22
C GLY A 87 9.94 -11.19 9.12
N ASP A 88 10.77 -10.94 10.13
CA ASP A 88 11.62 -9.76 10.11
C ASP A 88 12.99 -10.00 9.48
N ARG A 89 13.22 -11.16 8.88
CA ARG A 89 14.49 -11.42 8.23
C ARG A 89 14.66 -10.51 7.02
N LYS A 90 15.84 -9.90 6.92
CA LYS A 90 16.14 -8.91 5.90
C LYS A 90 16.69 -9.59 4.67
N LEU A 91 16.04 -9.36 3.53
CA LEU A 91 16.39 -9.95 2.26
C LEU A 91 17.07 -8.89 1.41
N SER A 92 18.38 -9.02 1.22
CA SER A 92 19.12 -8.01 0.47
C SER A 92 19.02 -8.24 -1.02
N TYR A 93 19.08 -7.14 -1.77
CA TYR A 93 19.08 -7.24 -3.22
C TYR A 93 19.66 -5.99 -3.86
N GLY A 94 19.95 -6.13 -5.16
CA GLY A 94 20.44 -5.06 -5.99
C GLY A 94 19.45 -4.75 -7.10
N PRO A 95 19.79 -3.80 -7.98
CA PRO A 95 18.89 -3.45 -9.07
C PRO A 95 18.51 -4.61 -9.96
N ASP A 96 19.30 -5.69 -9.96
CA ASP A 96 18.99 -6.88 -10.73
C ASP A 96 17.64 -7.49 -10.37
N MET A 97 17.12 -7.24 -9.17
N MET A 97 17.12 -7.22 -9.16
CA MET A 97 15.86 -7.87 -8.79
CA MET A 97 15.87 -7.79 -8.69
C MET A 97 14.64 -7.04 -9.20
C MET A 97 14.66 -7.08 -9.26
N ILE A 98 14.84 -5.88 -9.82
CA ILE A 98 13.73 -5.06 -10.27
C ILE A 98 13.23 -5.62 -11.58
N VAL A 99 11.95 -5.96 -11.63
CA VAL A 99 11.30 -6.43 -12.85
C VAL A 99 10.06 -5.58 -13.05
N GLU A 100 9.42 -5.76 -14.21
CA GLU A 100 8.21 -5.00 -14.52
C GLU A 100 7.26 -5.07 -13.33
N TRP A 101 6.68 -3.91 -12.99
CA TRP A 101 5.74 -3.76 -11.88
C TRP A 101 6.34 -4.23 -10.56
N SER A 102 7.26 -3.42 -10.05
CA SER A 102 7.88 -3.66 -8.74
C SER A 102 7.85 -2.39 -7.90
N PRO A 103 6.65 -1.87 -7.62
CA PRO A 103 6.55 -0.54 -6.98
C PRO A 103 7.22 -0.45 -5.63
N ALA A 104 6.99 -1.42 -4.73
CA ALA A 104 7.61 -1.39 -3.42
C ALA A 104 9.09 -1.77 -3.49
N THR A 105 9.43 -2.79 -4.27
CA THR A 105 10.83 -3.20 -4.39
C THR A 105 11.69 -2.04 -4.87
N GLU A 106 11.15 -1.24 -5.80
CA GLU A 106 11.87 -0.07 -6.28
CA GLU A 106 11.87 -0.08 -6.29
C GLU A 106 12.04 0.97 -5.19
N ARG A 107 11.03 1.17 -4.35
CA ARG A 107 11.15 2.18 -3.29
C ARG A 107 12.17 1.78 -2.23
N PHE A 108 12.27 0.47 -1.94
CA PHE A 108 13.19 -0.03 -0.92
C PHE A 108 14.56 -0.35 -1.47
N LEU A 109 14.80 -0.17 -2.77
CA LEU A 109 16.06 -0.57 -3.38
C LEU A 109 17.24 0.18 -2.78
N ALA A 110 17.12 1.50 -2.58
CA ALA A 110 18.27 2.22 -2.07
C ALA A 110 18.64 1.73 -0.69
N SER A 111 17.64 1.37 0.14
CA SER A 111 17.96 0.89 1.48
C SER A 111 18.70 -0.44 1.41
N GLY A 112 18.46 -1.22 0.36
CA GLY A 112 19.19 -2.44 0.08
C GLY A 112 18.48 -3.72 0.44
N HIS A 113 17.31 -3.66 1.08
CA HIS A 113 16.63 -4.89 1.46
C HIS A 113 15.13 -4.61 1.65
N MET A 114 14.38 -5.70 1.67
CA MET A 114 13.04 -5.73 2.23
C MET A 114 12.99 -6.90 3.20
N THR A 115 12.19 -6.79 4.26
CA THR A 115 12.01 -7.97 5.10
C THR A 115 11.09 -8.98 4.41
N VAL A 116 11.14 -10.22 4.91
CA VAL A 116 10.22 -11.26 4.42
C VAL A 116 8.79 -10.72 4.43
N LEU A 117 8.40 -10.08 5.53
CA LEU A 117 7.01 -9.65 5.66
C LEU A 117 6.69 -8.46 4.76
N GLU A 118 7.62 -7.52 4.62
CA GLU A 118 7.41 -6.43 3.67
C GLU A 118 7.22 -6.95 2.26
N ALA A 119 8.08 -7.90 1.87
CA ALA A 119 7.97 -8.47 0.53
C ALA A 119 6.65 -9.22 0.35
N ALA A 120 6.24 -9.98 1.36
CA ALA A 120 5.01 -10.76 1.19
C ALA A 120 3.81 -9.84 1.16
N GLN A 121 3.79 -8.79 1.97
CA GLN A 121 2.68 -7.86 1.92
C GLN A 121 2.62 -7.14 0.59
N ALA A 122 3.78 -6.77 0.03
CA ALA A 122 3.81 -6.10 -1.27
C ALA A 122 3.37 -7.07 -2.37
N ALA A 123 3.84 -8.32 -2.30
CA ALA A 123 3.41 -9.32 -3.27
C ALA A 123 1.90 -9.48 -3.28
N VAL A 124 1.26 -9.50 -2.11
CA VAL A 124 -0.17 -9.77 -2.02
C VAL A 124 -1.00 -8.54 -2.35
N GLN A 125 -0.64 -7.39 -1.79
CA GLN A 125 -1.50 -6.21 -1.88
C GLN A 125 -1.20 -5.27 -3.03
N LEU A 126 0.03 -5.29 -3.55
CA LEU A 126 0.37 -4.53 -4.75
C LEU A 126 0.70 -5.41 -5.94
N SER A 127 0.73 -6.73 -5.76
CA SER A 127 1.15 -7.66 -6.80
C SER A 127 2.57 -7.37 -7.29
N ASP A 128 3.42 -6.90 -6.38
CA ASP A 128 4.78 -6.52 -6.72
C ASP A 128 5.55 -7.74 -7.19
N ASN A 129 6.11 -7.67 -8.40
CA ASN A 129 6.75 -8.84 -9.00
C ASN A 129 8.18 -9.03 -8.48
N GLY A 130 8.90 -7.94 -8.26
CA GLY A 130 10.23 -8.07 -7.69
C GLY A 130 10.20 -8.66 -6.30
N ALA A 131 9.19 -8.26 -5.50
CA ALA A 131 9.04 -8.81 -4.15
C ALA A 131 8.69 -10.29 -4.20
N THR A 132 7.83 -10.66 -5.18
CA THR A 132 7.51 -12.07 -5.37
C THR A 132 8.77 -12.86 -5.68
N ASN A 133 9.62 -12.36 -6.57
CA ASN A 133 10.83 -13.10 -6.94
C ASN A 133 11.82 -13.15 -5.79
N LEU A 134 11.87 -12.10 -4.98
CA LEU A 134 12.70 -12.12 -3.79
C LEU A 134 12.30 -13.25 -2.84
N LEU A 135 10.98 -13.42 -2.63
CA LEU A 135 10.50 -14.52 -1.80
C LEU A 135 10.78 -15.88 -2.45
N LEU A 136 10.53 -16.00 -3.76
CA LEU A 136 10.87 -17.24 -4.45
C LEU A 136 12.35 -17.61 -4.25
N ARG A 137 13.23 -16.63 -4.40
CA ARG A 137 14.67 -16.88 -4.16
C ARG A 137 14.89 -17.46 -2.78
N GLU A 138 14.15 -16.96 -1.79
CA GLU A 138 14.36 -17.37 -0.40
C GLU A 138 13.76 -18.72 -0.06
N ILE A 139 12.65 -19.11 -0.69
CA ILE A 139 11.96 -20.33 -0.30
C ILE A 139 12.32 -21.51 -1.19
N GLY A 140 13.15 -21.31 -2.19
CA GLY A 140 13.58 -22.41 -3.04
C GLY A 140 13.00 -22.46 -4.44
N GLY A 141 12.41 -21.38 -4.91
CA GLY A 141 12.00 -21.27 -6.29
C GLY A 141 10.68 -21.96 -6.58
N PRO A 142 10.32 -21.95 -7.86
CA PRO A 142 9.04 -22.56 -8.29
C PRO A 142 8.85 -23.97 -7.80
N ALA A 143 9.90 -24.78 -7.75
CA ALA A 143 9.74 -26.14 -7.26
C ALA A 143 9.24 -26.14 -5.82
N ALA A 144 9.67 -25.18 -5.00
CA ALA A 144 9.24 -25.18 -3.60
C ALA A 144 7.80 -24.71 -3.48
N MET A 145 7.39 -23.78 -4.33
CA MET A 145 5.98 -23.37 -4.37
C MET A 145 5.09 -24.56 -4.72
N THR A 146 5.46 -25.31 -5.76
CA THR A 146 4.66 -26.48 -6.14
C THR A 146 4.63 -27.52 -5.02
N GLN A 147 5.75 -27.74 -4.31
CA GLN A 147 5.73 -28.68 -3.20
C GLN A 147 4.75 -28.23 -2.12
N TYR A 148 4.60 -26.93 -1.91
CA TYR A 148 3.67 -26.47 -0.89
C TYR A 148 2.23 -26.78 -1.30
N PHE A 149 1.89 -26.53 -2.56
CA PHE A 149 0.56 -26.93 -3.04
C PHE A 149 0.31 -28.40 -2.73
N ARG A 150 1.28 -29.27 -3.01
CA ARG A 150 1.06 -30.70 -2.80
C ARG A 150 0.89 -31.01 -1.31
N LYS A 151 1.68 -30.34 -0.46
CA LYS A 151 1.59 -30.55 0.98
C LYS A 151 0.19 -30.23 1.52
N ILE A 152 -0.50 -29.25 0.96
CA ILE A 152 -1.82 -28.90 1.44
C ILE A 152 -2.92 -29.57 0.62
N GLY A 153 -2.58 -30.58 -0.16
CA GLY A 153 -3.59 -31.40 -0.80
C GLY A 153 -3.99 -30.96 -2.19
N ASP A 154 -3.27 -30.01 -2.77
CA ASP A 154 -3.56 -29.50 -4.11
C ASP A 154 -2.60 -30.21 -5.05
N SER A 155 -3.11 -31.15 -5.83
CA SER A 155 -2.27 -31.92 -6.74
C SER A 155 -2.27 -31.32 -8.14
N VAL A 156 -2.92 -30.16 -8.31
CA VAL A 156 -3.18 -29.58 -9.62
C VAL A 156 -2.35 -28.34 -9.87
N SER A 157 -2.41 -27.37 -8.96
CA SER A 157 -1.70 -26.11 -9.16
C SER A 157 -0.21 -26.37 -9.28
N ARG A 158 0.44 -25.67 -10.20
CA ARG A 158 1.88 -25.82 -10.42
C ARG A 158 2.50 -24.49 -10.79
N LEU A 159 3.58 -24.14 -10.09
CA LEU A 159 4.40 -22.99 -10.46
C LEU A 159 5.66 -23.53 -11.10
N ASP A 160 5.90 -23.14 -12.34
CA ASP A 160 7.07 -23.58 -13.10
C ASP A 160 8.11 -22.51 -13.33
N ARG A 161 7.70 -21.23 -13.31
CA ARG A 161 8.59 -20.11 -13.59
C ARG A 161 8.39 -18.97 -12.59
N LYS A 162 9.36 -18.06 -12.57
CA LYS A 162 9.24 -16.86 -11.76
C LYS A 162 8.61 -15.72 -12.58
N GLU A 163 8.46 -14.55 -11.96
CA GLU A 163 7.89 -13.41 -12.67
C GLU A 163 8.96 -12.75 -13.55
N PRO A 164 8.59 -12.23 -14.73
CA PRO A 164 7.21 -12.18 -15.27
C PRO A 164 6.84 -13.32 -16.20
N GLU A 165 7.77 -14.20 -16.56
CA GLU A 165 7.49 -15.16 -17.62
C GLU A 165 6.45 -16.20 -17.20
N MET A 166 6.25 -16.42 -15.91
CA MET A 166 5.18 -17.35 -15.52
C MET A 166 3.82 -16.86 -15.99
N GLY A 167 3.71 -15.59 -16.40
CA GLY A 167 2.45 -15.06 -16.86
C GLY A 167 2.29 -14.96 -18.36
N ASP A 168 3.18 -15.65 -19.09
CA ASP A 168 3.18 -15.56 -20.54
C ASP A 168 1.89 -16.11 -21.11
N ASN A 169 1.30 -17.11 -20.46
CA ASN A 169 -0.02 -17.62 -20.82
C ASN A 169 -0.10 -18.03 -22.29
N THR A 170 0.92 -18.79 -22.73
CA THR A 170 0.91 -19.31 -24.09
C THR A 170 -0.26 -20.27 -24.25
N PRO A 171 -1.08 -20.14 -25.30
CA PRO A 171 -2.23 -21.03 -25.43
C PRO A 171 -1.82 -22.49 -25.35
N GLY A 172 -2.52 -23.26 -24.52
CA GLY A 172 -2.29 -24.69 -24.40
C GLY A 172 -1.24 -25.10 -23.38
N ASP A 173 -0.45 -24.15 -22.87
CA ASP A 173 0.65 -24.47 -21.97
C ASP A 173 0.09 -24.77 -20.59
N LEU A 174 0.45 -25.94 -20.04
CA LEU A 174 0.02 -26.32 -18.71
C LEU A 174 0.96 -25.82 -17.62
N ARG A 175 2.11 -25.25 -17.98
CA ARG A 175 2.96 -24.67 -16.96
C ARG A 175 2.24 -23.51 -16.28
N ASP A 176 2.46 -23.36 -14.99
CA ASP A 176 2.01 -22.17 -14.26
C ASP A 176 0.49 -22.06 -14.25
N THR A 177 -0.21 -23.19 -14.23
CA THR A 177 -1.67 -23.21 -14.23
C THR A 177 -2.23 -23.75 -12.92
N THR A 178 -3.54 -23.54 -12.77
CA THR A 178 -4.34 -24.20 -11.75
C THR A 178 -5.70 -24.48 -12.38
N THR A 179 -6.64 -25.02 -11.61
CA THR A 179 -8.04 -25.03 -12.01
C THR A 179 -8.84 -24.22 -11.00
N PRO A 180 -9.99 -23.73 -11.41
CA PRO A 180 -10.84 -23.01 -10.43
C PRO A 180 -11.12 -23.85 -9.19
N ILE A 181 -11.41 -25.14 -9.35
CA ILE A 181 -11.78 -25.93 -8.18
C ILE A 181 -10.57 -26.21 -7.29
N ALA A 182 -9.42 -26.55 -7.88
CA ALA A 182 -8.23 -26.77 -7.07
C ALA A 182 -7.87 -25.51 -6.30
N MET A 183 -7.88 -24.36 -6.98
CA MET A 183 -7.46 -23.14 -6.29
C MET A 183 -8.49 -22.72 -5.24
N ALA A 184 -9.78 -22.89 -5.51
CA ALA A 184 -10.78 -22.53 -4.50
C ALA A 184 -10.59 -23.41 -3.26
N ARG A 185 -10.31 -24.69 -3.46
CA ARG A 185 -10.08 -25.56 -2.30
C ARG A 185 -8.80 -25.22 -1.58
N THR A 186 -7.79 -24.74 -2.30
CA THR A 186 -6.57 -24.28 -1.63
C THR A 186 -6.83 -23.03 -0.81
N VAL A 187 -7.60 -22.07 -1.36
CA VAL A 187 -8.00 -20.90 -0.56
C VAL A 187 -8.71 -21.35 0.71
N ALA A 188 -9.68 -22.26 0.59
CA ALA A 188 -10.40 -22.73 1.76
C ALA A 188 -9.48 -23.40 2.77
N LYS A 189 -8.52 -24.22 2.30
CA LYS A 189 -7.63 -24.90 3.22
C LYS A 189 -6.80 -23.89 4.00
N VAL A 190 -6.32 -22.85 3.31
CA VAL A 190 -5.45 -21.87 3.96
C VAL A 190 -6.23 -21.05 4.97
N LEU A 191 -7.43 -20.63 4.61
CA LEU A 191 -8.18 -19.70 5.43
C LEU A 191 -9.04 -20.38 6.48
N TYR A 192 -9.60 -21.55 6.16
CA TYR A 192 -10.56 -22.20 7.02
C TYR A 192 -10.16 -23.59 7.47
N GLY A 193 -9.15 -24.20 6.85
CA GLY A 193 -8.76 -25.57 7.10
C GLY A 193 -7.64 -25.76 8.09
N GLY A 194 -7.26 -24.71 8.82
CA GLY A 194 -6.27 -24.87 9.86
C GLY A 194 -4.86 -25.00 9.35
N ALA A 195 -4.61 -24.57 8.12
CA ALA A 195 -3.26 -24.66 7.59
C ALA A 195 -2.30 -23.72 8.29
N LEU A 196 -2.83 -22.63 8.85
CA LEU A 196 -1.98 -21.62 9.49
C LEU A 196 -2.48 -21.32 10.90
N THR A 197 -1.58 -20.80 11.73
CA THR A 197 -1.98 -20.35 13.05
C THR A 197 -3.09 -19.31 12.94
N SER A 198 -3.82 -19.12 14.03
CA SER A 198 -4.85 -18.09 14.01
C SER A 198 -4.25 -16.71 13.74
N THR A 199 -3.06 -16.46 14.25
CA THR A 199 -2.37 -15.20 13.98
C THR A 199 -2.07 -15.03 12.50
N SER A 200 -1.45 -16.03 11.90
CA SER A 200 -1.08 -15.90 10.50
C SER A 200 -2.30 -15.87 9.61
N THR A 201 -3.32 -16.67 9.93
CA THR A 201 -4.57 -16.66 9.17
C THR A 201 -5.21 -15.28 9.18
N HIS A 202 -5.29 -14.66 10.36
CA HIS A 202 -5.89 -13.33 10.45
C HIS A 202 -5.08 -12.31 9.68
N THR A 203 -3.75 -12.39 9.75
CA THR A 203 -2.93 -11.42 9.03
C THR A 203 -3.14 -11.51 7.52
N ILE A 204 -3.10 -12.72 6.98
CA ILE A 204 -3.27 -12.88 5.54
C ILE A 204 -4.69 -12.51 5.10
N GLU A 205 -5.70 -12.83 5.92
CA GLU A 205 -7.08 -12.41 5.60
C GLU A 205 -7.19 -10.90 5.51
N ARG A 206 -6.60 -10.18 6.49
CA ARG A 206 -6.67 -8.72 6.46
C ARG A 206 -5.89 -8.15 5.27
N TRP A 207 -4.77 -8.80 4.90
CA TRP A 207 -4.08 -8.35 3.69
C TRP A 207 -4.97 -8.46 2.46
N LEU A 208 -5.72 -9.56 2.35
CA LEU A 208 -6.58 -9.76 1.19
C LEU A 208 -7.72 -8.73 1.18
N ILE A 209 -8.30 -8.43 2.34
CA ILE A 209 -9.33 -7.39 2.42
C ILE A 209 -8.77 -6.06 1.98
N GLY A 210 -7.56 -5.74 2.42
CA GLY A 210 -6.90 -4.51 2.09
C GLY A 210 -6.16 -4.47 0.78
N ASN A 211 -6.28 -5.53 -0.04
CA ASN A 211 -5.63 -5.57 -1.33
C ASN A 211 -5.88 -4.28 -2.10
N GLN A 212 -4.82 -3.74 -2.72
CA GLN A 212 -4.95 -2.47 -3.43
C GLN A 212 -5.27 -2.58 -4.91
N THR A 213 -5.30 -3.78 -5.47
CA THR A 213 -5.42 -3.93 -6.91
C THR A 213 -6.76 -4.49 -7.38
N GLY A 214 -7.70 -4.76 -6.47
CA GLY A 214 -8.94 -5.43 -6.81
C GLY A 214 -10.20 -4.58 -6.80
N ASP A 215 -10.10 -3.27 -6.75
CA ASP A 215 -11.30 -2.47 -6.59
C ASP A 215 -12.26 -2.55 -7.76
N ALA A 216 -11.80 -2.92 -8.95
CA ALA A 216 -12.65 -2.96 -10.12
C ALA A 216 -12.94 -4.36 -10.64
N THR A 217 -12.50 -5.40 -9.93
CA THR A 217 -12.71 -6.78 -10.37
C THR A 217 -13.79 -7.42 -9.49
N LEU A 218 -13.58 -8.62 -8.94
CA LEU A 218 -14.67 -9.39 -8.36
C LEU A 218 -15.42 -8.60 -7.30
N ARG A 219 -14.69 -7.95 -6.38
CA ARG A 219 -15.40 -7.32 -5.28
C ARG A 219 -16.30 -6.17 -5.72
N ALA A 220 -16.05 -5.59 -6.90
CA ALA A 220 -16.95 -4.57 -7.40
C ALA A 220 -18.32 -5.12 -7.74
N GLY A 221 -18.46 -6.44 -7.91
CA GLY A 221 -19.74 -7.00 -8.24
C GLY A 221 -20.49 -7.60 -7.07
N PHE A 222 -19.94 -7.53 -5.87
CA PHE A 222 -20.56 -8.07 -4.68
C PHE A 222 -21.30 -6.97 -3.93
N PRO A 223 -22.32 -7.32 -3.14
CA PRO A 223 -22.95 -6.33 -2.27
C PRO A 223 -21.93 -5.64 -1.37
N LYS A 224 -22.20 -4.37 -1.07
CA LYS A 224 -21.22 -3.56 -0.38
C LYS A 224 -20.99 -4.01 1.05
N ASP A 225 -21.94 -4.74 1.64
CA ASP A 225 -21.80 -5.19 3.02
C ASP A 225 -21.20 -6.59 3.17
N TRP A 226 -20.87 -7.27 2.08
CA TRP A 226 -20.14 -8.54 2.16
C TRP A 226 -18.68 -8.27 2.51
N VAL A 227 -18.15 -8.99 3.48
CA VAL A 227 -16.70 -8.95 3.72
C VAL A 227 -16.03 -9.81 2.66
N VAL A 228 -15.11 -9.22 1.91
CA VAL A 228 -14.43 -9.86 0.79
C VAL A 228 -12.95 -9.51 0.83
N GLY A 229 -12.12 -10.50 0.58
CA GLY A 229 -10.71 -10.25 0.35
C GLY A 229 -10.27 -11.10 -0.82
N GLU A 230 -9.36 -10.56 -1.64
CA GLU A 230 -8.98 -11.30 -2.83
C GLU A 230 -7.63 -10.86 -3.37
N LYS A 231 -7.12 -11.73 -4.25
CA LYS A 231 -5.88 -11.50 -4.98
C LYS A 231 -6.13 -11.59 -6.48
N THR A 232 -5.76 -10.56 -7.22
CA THR A 232 -5.98 -10.48 -8.65
C THR A 232 -4.83 -11.15 -9.43
N GLY A 233 -5.08 -11.39 -10.71
CA GLY A 233 -3.99 -11.69 -11.64
C GLY A 233 -4.32 -11.16 -13.01
N THR A 234 -3.28 -10.80 -13.77
CA THR A 234 -3.41 -10.43 -15.17
C THR A 234 -2.29 -11.13 -15.92
N CYS A 235 -2.63 -11.78 -17.03
CA CYS A 235 -1.63 -12.43 -17.87
C CYS A 235 -1.74 -11.88 -19.29
N ALA A 236 -0.67 -12.08 -20.05
CA ALA A 236 -0.73 -11.88 -21.49
C ALA A 236 -1.84 -12.74 -22.11
N ASN A 237 -2.26 -12.41 -23.33
CA ASN A 237 -3.23 -13.22 -24.06
C ASN A 237 -4.61 -13.24 -23.39
N GLY A 238 -4.91 -12.18 -22.64
CA GLY A 238 -6.27 -11.99 -22.18
C GLY A 238 -6.64 -12.63 -20.86
N GLY A 239 -5.66 -12.99 -20.03
CA GLY A 239 -5.96 -13.60 -18.76
C GLY A 239 -6.28 -12.54 -17.71
N ARG A 240 -7.39 -12.73 -17.00
CA ARG A 240 -7.75 -11.83 -15.90
C ARG A 240 -8.43 -12.65 -14.82
N ASN A 241 -7.85 -12.68 -13.62
CA ASN A 241 -8.27 -13.60 -12.59
C ASN A 241 -8.46 -12.89 -11.25
N ASP A 242 -9.18 -13.54 -10.34
CA ASP A 242 -9.38 -13.01 -8.99
C ASP A 242 -9.78 -14.18 -8.11
N ILE A 243 -9.05 -14.42 -7.01
CA ILE A 243 -9.33 -15.50 -6.08
C ILE A 243 -9.38 -14.92 -4.67
N GLY A 244 -10.18 -15.56 -3.81
CA GLY A 244 -10.24 -15.13 -2.44
C GLY A 244 -11.40 -15.70 -1.67
N PHE A 245 -12.01 -14.90 -0.79
CA PHE A 245 -13.05 -15.38 0.12
C PHE A 245 -14.08 -14.26 0.29
N PHE A 246 -15.28 -14.66 0.67
CA PHE A 246 -16.30 -13.69 1.01
C PHE A 246 -17.19 -14.28 2.10
N LYS A 247 -17.83 -13.39 2.86
CA LYS A 247 -18.76 -13.77 3.91
C LYS A 247 -20.08 -13.10 3.58
N ALA A 248 -21.12 -13.91 3.40
CA ALA A 248 -22.46 -13.43 3.06
C ALA A 248 -23.44 -14.15 3.96
N GLN A 249 -24.33 -13.39 4.60
CA GLN A 249 -25.42 -13.96 5.39
C GLN A 249 -24.87 -14.97 6.39
N GLU A 250 -23.79 -14.59 7.06
CA GLU A 250 -23.16 -15.38 8.11
C GLU A 250 -22.56 -16.69 7.61
N ARG A 251 -22.38 -16.82 6.30
CA ARG A 251 -21.74 -17.98 5.71
C ARG A 251 -20.42 -17.55 5.08
N ASP A 252 -19.40 -18.38 5.23
CA ASP A 252 -18.10 -18.13 4.62
C ASP A 252 -17.93 -18.96 3.36
N TYR A 253 -17.32 -18.37 2.33
CA TYR A 253 -17.07 -19.05 1.07
C TYR A 253 -15.66 -18.76 0.58
N ALA A 254 -15.08 -19.71 -0.14
CA ALA A 254 -13.86 -19.45 -0.90
C ALA A 254 -14.20 -19.49 -2.38
N VAL A 255 -13.55 -18.63 -3.17
CA VAL A 255 -13.91 -18.47 -4.57
C VAL A 255 -12.65 -18.30 -5.42
N ALA A 256 -12.69 -18.88 -6.62
CA ALA A 256 -11.62 -18.68 -7.59
C ALA A 256 -12.25 -18.42 -8.96
N VAL A 257 -11.85 -17.32 -9.59
CA VAL A 257 -12.35 -16.94 -10.91
C VAL A 257 -11.15 -16.73 -11.82
N TYR A 258 -11.10 -17.50 -12.90
CA TYR A 258 -10.12 -17.38 -13.98
C TYR A 258 -10.86 -17.08 -15.26
N THR A 259 -10.43 -16.07 -16.01
CA THR A 259 -11.06 -15.74 -17.27
C THR A 259 -10.01 -15.54 -18.36
N THR A 260 -10.43 -15.84 -19.58
CA THR A 260 -9.62 -15.61 -20.77
C THR A 260 -10.50 -14.89 -21.79
N ALA A 261 -10.10 -13.66 -22.16
CA ALA A 261 -10.87 -12.84 -23.09
C ALA A 261 -9.88 -12.06 -23.96
N PRO A 262 -9.33 -12.72 -24.99
CA PRO A 262 -8.27 -12.08 -25.79
C PRO A 262 -8.67 -10.82 -26.52
N LYS A 263 -9.94 -10.66 -26.88
CA LYS A 263 -10.37 -9.53 -27.69
C LYS A 263 -10.92 -8.36 -26.88
N LEU A 264 -11.02 -8.49 -25.57
CA LEU A 264 -11.49 -7.40 -24.73
C LEU A 264 -10.33 -6.48 -24.36
N SER A 265 -10.66 -5.22 -24.08
CA SER A 265 -9.70 -4.30 -23.51
C SER A 265 -9.50 -4.60 -22.02
N ALA A 266 -8.44 -4.02 -21.46
CA ALA A 266 -8.18 -4.20 -20.03
C ALA A 266 -9.39 -3.80 -19.19
N VAL A 267 -9.97 -2.65 -19.48
CA VAL A 267 -11.11 -2.19 -18.69
C VAL A 267 -12.29 -3.16 -18.85
N GLU A 268 -12.52 -3.65 -20.08
CA GLU A 268 -13.60 -4.59 -20.31
C GLU A 268 -13.37 -5.90 -19.58
N ARG A 269 -12.11 -6.32 -19.42
CA ARG A 269 -11.84 -7.53 -18.65
C ARG A 269 -12.10 -7.31 -17.17
N ASP A 270 -11.77 -6.13 -16.64
CA ASP A 270 -12.17 -5.81 -15.29
C ASP A 270 -13.68 -5.92 -15.15
N GLU A 271 -14.42 -5.33 -16.11
CA GLU A 271 -15.88 -5.36 -16.05
C GLU A 271 -16.40 -6.79 -16.14
N LEU A 272 -15.72 -7.63 -16.91
CA LEU A 272 -16.12 -9.03 -17.02
C LEU A 272 -16.03 -9.73 -15.67
N VAL A 273 -14.91 -9.55 -14.96
CA VAL A 273 -14.78 -10.20 -13.66
C VAL A 273 -15.79 -9.62 -12.68
N ALA A 274 -16.02 -8.31 -12.72
CA ALA A 274 -17.06 -7.74 -11.87
C ALA A 274 -18.43 -8.33 -12.20
N SER A 275 -18.72 -8.54 -13.49
CA SER A 275 -19.99 -9.17 -13.86
C SER A 275 -20.09 -10.57 -13.32
N VAL A 276 -18.98 -11.31 -13.31
CA VAL A 276 -18.97 -12.62 -12.72
C VAL A 276 -19.30 -12.51 -11.24
N GLY A 277 -18.77 -11.47 -10.59
CA GLY A 277 -19.11 -11.23 -9.19
C GLY A 277 -20.61 -11.01 -8.99
N GLN A 278 -21.25 -10.30 -9.93
CA GLN A 278 -22.70 -10.12 -9.85
C GLN A 278 -23.45 -11.45 -10.02
N VAL A 279 -22.98 -12.30 -10.94
CA VAL A 279 -23.63 -13.59 -11.17
C VAL A 279 -23.48 -14.48 -9.94
N ILE A 280 -22.31 -14.45 -9.32
CA ILE A 280 -22.10 -15.15 -8.07
C ILE A 280 -23.05 -14.63 -6.99
N THR A 281 -23.19 -13.31 -6.90
CA THR A 281 -24.06 -12.73 -5.89
C THR A 281 -25.49 -13.24 -6.06
N GLN A 282 -25.95 -13.31 -7.30
CA GLN A 282 -27.34 -13.71 -7.54
C GLN A 282 -27.56 -15.14 -7.13
N LEU A 283 -26.59 -16.02 -7.39
CA LEU A 283 -26.70 -17.38 -6.91
C LEU A 283 -26.73 -17.40 -5.39
N ILE A 284 -25.79 -16.71 -4.75
CA ILE A 284 -25.72 -16.78 -3.30
C ILE A 284 -26.98 -16.22 -2.66
N LEU A 285 -27.49 -15.11 -3.18
CA LEU A 285 -28.70 -14.54 -2.62
C LEU A 285 -29.90 -15.47 -2.77
N SER A 286 -29.96 -16.24 -3.87
CA SER A 286 -31.13 -17.08 -4.15
C SER A 286 -31.13 -18.34 -3.30
N ALA B 20 29.50 30.44 1.27
CA ALA B 20 28.64 31.63 1.29
C ALA B 20 28.13 31.87 -0.10
N SER B 21 29.04 31.85 -1.08
CA SER B 21 28.58 31.81 -2.46
C SER B 21 27.68 30.60 -2.68
N GLU B 22 27.96 29.50 -1.98
CA GLU B 22 27.13 28.31 -2.14
C GLU B 22 25.77 28.50 -1.50
N LYS B 23 25.71 29.14 -0.33
CA LYS B 23 24.41 29.44 0.25
C LYS B 23 23.63 30.41 -0.62
N LEU B 24 24.32 31.32 -1.31
CA LEU B 24 23.67 32.22 -2.27
C LEU B 24 23.20 31.46 -3.50
N THR B 25 23.97 30.48 -3.98
CA THR B 25 23.46 29.60 -5.04
C THR B 25 22.15 28.95 -4.64
N PHE B 26 22.09 28.39 -3.42
CA PHE B 26 20.88 27.72 -2.94
C PHE B 26 19.70 28.67 -2.92
N LYS B 27 19.92 29.87 -2.36
CA LYS B 27 18.85 30.87 -2.28
C LYS B 27 18.44 31.33 -3.68
N THR B 28 19.42 31.67 -4.51
CA THR B 28 19.18 32.14 -5.88
C THR B 28 18.41 31.12 -6.69
N ASP B 29 18.85 29.86 -6.66
CA ASP B 29 18.20 28.84 -7.48
C ASP B 29 16.78 28.54 -7.02
N LEU B 30 16.50 28.61 -5.72
CA LEU B 30 15.12 28.47 -5.28
C LEU B 30 14.28 29.69 -5.67
N GLU B 31 14.86 30.89 -5.59
CA GLU B 31 14.10 32.08 -5.95
C GLU B 31 13.87 32.17 -7.46
N LYS B 32 14.77 31.63 -8.27
CA LYS B 32 14.49 31.50 -9.69
C LYS B 32 13.25 30.63 -9.92
N LEU B 33 13.14 29.53 -9.20
CA LEU B 33 11.95 28.70 -9.30
C LEU B 33 10.72 29.45 -8.80
N GLU B 34 10.85 30.21 -7.71
CA GLU B 34 9.71 30.99 -7.23
C GLU B 34 9.21 31.94 -8.30
N ARG B 35 10.12 32.64 -8.97
CA ARG B 35 9.70 33.60 -9.98
C ARG B 35 9.12 32.92 -11.20
N GLU B 36 9.78 31.87 -11.69
CA GLU B 36 9.33 31.21 -12.91
C GLU B 36 7.98 30.56 -12.72
N LYS B 37 7.70 30.06 -11.52
CA LYS B 37 6.50 29.28 -11.24
C LYS B 37 5.45 30.03 -10.46
N ALA B 38 5.72 31.29 -10.08
CA ALA B 38 4.80 32.06 -9.26
C ALA B 38 4.48 31.31 -7.96
N ALA B 39 5.55 30.98 -7.23
CA ALA B 39 5.43 30.08 -6.10
C ALA B 39 6.28 30.58 -4.95
N GLN B 40 5.94 30.10 -3.76
CA GLN B 40 6.77 30.31 -2.58
C GLN B 40 7.27 28.96 -2.09
N ILE B 41 8.57 28.91 -1.77
CA ILE B 41 9.24 27.68 -1.44
C ILE B 41 9.89 27.79 -0.06
N GLY B 42 9.40 27.00 0.89
CA GLY B 42 9.99 26.90 2.22
C GLY B 42 10.74 25.60 2.37
N VAL B 43 11.98 25.69 2.83
CA VAL B 43 12.83 24.53 3.01
C VAL B 43 13.60 24.66 4.31
N ALA B 44 13.72 23.54 5.04
CA ALA B 44 14.72 23.44 6.10
C ALA B 44 15.37 22.06 6.02
N ILE B 45 16.70 22.05 6.11
CA ILE B 45 17.48 20.82 6.22
C ILE B 45 18.24 20.90 7.53
N VAL B 46 18.10 19.87 8.37
CA VAL B 46 18.84 19.82 9.63
C VAL B 46 19.58 18.50 9.74
N ASP B 47 20.56 18.48 10.64
CA ASP B 47 21.30 17.25 10.94
C ASP B 47 20.54 16.52 12.04
N PRO B 48 20.96 15.32 12.45
CA PRO B 48 20.14 14.53 13.38
C PRO B 48 19.86 15.21 14.71
N GLN B 49 20.71 16.13 15.15
CA GLN B 49 20.48 16.87 16.38
C GLN B 49 19.73 18.18 16.17
N GLY B 50 19.30 18.47 14.94
CA GLY B 50 18.54 19.66 14.69
C GLY B 50 19.33 20.87 14.26
N GLU B 51 20.64 20.74 14.03
CA GLU B 51 21.42 21.88 13.62
C GLU B 51 21.17 22.18 12.14
N ILE B 52 21.04 23.47 11.83
CA ILE B 52 20.64 23.90 10.48
C ILE B 52 21.76 23.64 9.49
N VAL B 53 21.40 23.02 8.36
CA VAL B 53 22.30 22.79 7.24
C VAL B 53 22.07 23.82 6.14
N ALA B 54 20.81 24.05 5.81
CA ALA B 54 20.40 25.09 4.86
C ALA B 54 18.92 25.33 5.05
N GLY B 55 18.43 26.43 4.51
CA GLY B 55 17.01 26.73 4.53
C GLY B 55 16.66 27.82 3.54
N HIS B 56 15.35 28.00 3.36
CA HIS B 56 14.75 29.09 2.59
C HIS B 56 13.36 29.35 3.15
N ARG B 57 13.04 30.61 3.43
CA ARG B 57 11.82 30.96 4.13
C ARG B 57 11.57 30.01 5.29
N MET B 58 12.61 29.67 6.04
CA MET B 58 12.46 28.52 6.93
C MET B 58 11.70 28.84 8.19
N ALA B 59 11.45 30.12 8.48
CA ALA B 59 10.66 30.52 9.62
C ALA B 59 9.28 31.05 9.21
N GLN B 60 8.88 30.84 7.96
CA GLN B 60 7.58 31.29 7.46
C GLN B 60 6.54 30.19 7.64
N ARG B 61 5.31 30.60 7.97
N ARG B 61 5.31 30.60 7.98
CA ARG B 61 4.22 29.65 8.19
CA ARG B 61 4.26 29.62 8.22
C ARG B 61 3.73 29.10 6.87
C ARG B 61 3.70 29.11 6.89
N PHE B 62 3.59 27.78 6.78
CA PHE B 62 2.90 27.12 5.68
C PHE B 62 1.90 26.12 6.25
N ALA B 63 0.82 25.88 5.52
CA ALA B 63 -0.11 24.84 5.90
C ALA B 63 0.57 23.47 5.83
N MET B 64 0.32 22.66 6.86
CA MET B 64 0.94 21.33 6.90
C MET B 64 0.38 20.38 5.85
N CYS B 65 -0.91 20.50 5.54
CA CYS B 65 -1.57 19.49 4.67
C CYS B 65 -1.32 18.11 5.31
N SER B 66 -1.18 17.07 4.49
CA SER B 66 -1.07 15.73 5.03
C SER B 66 0.27 15.44 5.67
N THR B 67 1.22 16.37 5.63
CA THR B 67 2.50 16.07 6.26
C THR B 67 2.32 15.77 7.74
N PHE B 68 1.27 16.30 8.38
CA PHE B 68 1.08 16.06 9.81
C PHE B 68 0.83 14.58 10.13
N LYS B 69 0.48 13.75 9.14
CA LYS B 69 0.17 12.36 9.44
C LYS B 69 1.39 11.58 9.87
N PHE B 70 2.58 12.05 9.50
CA PHE B 70 3.79 11.43 10.03
C PHE B 70 3.92 11.71 11.53
N PRO B 71 3.87 12.95 12.00
CA PRO B 71 3.82 13.18 13.46
C PRO B 71 2.64 12.48 14.14
N LEU B 72 1.49 12.36 13.48
CA LEU B 72 0.36 11.64 14.07
C LEU B 72 0.71 10.19 14.30
N ALA B 73 1.40 9.56 13.34
CA ALA B 73 1.82 8.18 13.56
C ALA B 73 2.83 8.09 14.70
N ALA B 74 3.72 9.09 14.82
CA ALA B 74 4.64 9.14 15.95
C ALA B 74 3.89 9.21 17.29
N LEU B 75 2.88 10.08 17.37
CA LEU B 75 2.02 10.13 18.56
C LEU B 75 1.47 8.74 18.88
N VAL B 76 0.94 8.06 17.88
CA VAL B 76 0.37 6.73 18.08
C VAL B 76 1.44 5.79 18.62
N PHE B 77 2.62 5.79 18.01
CA PHE B 77 3.69 4.90 18.48
C PHE B 77 4.12 5.26 19.89
N GLU B 78 4.09 6.55 20.23
CA GLU B 78 4.44 6.95 21.59
C GLU B 78 3.46 6.36 22.59
N ARG B 79 2.17 6.33 22.22
CA ARG B 79 1.18 5.73 23.11
C ARG B 79 1.35 4.22 23.20
N ILE B 80 1.67 3.57 22.08
CA ILE B 80 2.00 2.16 22.12
C ILE B 80 3.22 1.94 23.02
N ASP B 81 4.27 2.73 22.80
CA ASP B 81 5.48 2.63 23.61
C ASP B 81 5.15 2.75 25.10
N SER B 82 4.24 3.65 25.45
CA SER B 82 3.94 3.94 26.85
C SER B 82 2.82 3.07 27.41
N GLY B 83 2.20 2.22 26.60
CA GLY B 83 1.21 1.29 27.07
C GLY B 83 -0.21 1.81 27.15
N THR B 84 -0.47 3.01 26.65
CA THR B 84 -1.82 3.56 26.68
C THR B 84 -2.58 3.30 25.37
N GLU B 85 -1.93 2.70 24.38
CA GLU B 85 -2.57 2.23 23.16
C GLU B 85 -1.98 0.87 22.80
N ARG B 86 -2.76 0.08 22.05
CA ARG B 86 -2.28 -1.20 21.53
C ARG B 86 -2.41 -1.17 20.01
N GLY B 87 -1.38 -1.65 19.32
CA GLY B 87 -1.41 -1.62 17.87
C GLY B 87 -2.53 -2.44 17.26
N ASP B 88 -2.95 -3.51 17.94
CA ASP B 88 -3.98 -4.39 17.43
C ASP B 88 -5.39 -4.01 17.88
N ARG B 89 -5.54 -2.90 18.60
CA ARG B 89 -6.86 -2.45 19.00
C ARG B 89 -7.70 -2.12 17.76
N LYS B 90 -8.89 -2.71 17.70
CA LYS B 90 -9.80 -2.52 16.58
C LYS B 90 -10.56 -1.21 16.76
N LEU B 91 -10.51 -0.35 15.75
CA LEU B 91 -11.23 0.91 15.74
C LEU B 91 -12.41 0.75 14.80
N SER B 92 -13.59 0.65 15.38
CA SER B 92 -14.80 0.40 14.61
C SER B 92 -15.33 1.68 13.98
N TYR B 93 -15.95 1.55 12.82
CA TYR B 93 -16.52 2.71 12.16
C TYR B 93 -17.54 2.28 11.14
N GLY B 94 -18.33 3.27 10.69
CA GLY B 94 -19.31 3.11 9.65
C GLY B 94 -19.01 4.05 8.50
N PRO B 95 -19.94 4.16 7.54
CA PRO B 95 -19.64 4.86 6.28
C PRO B 95 -19.43 6.35 6.44
N ASP B 96 -19.84 6.94 7.56
CA ASP B 96 -19.57 8.35 7.75
C ASP B 96 -18.07 8.65 7.89
N MET B 97 -17.25 7.62 8.12
CA MET B 97 -15.82 7.83 8.24
C MET B 97 -15.14 7.99 6.90
N ILE B 98 -15.82 7.62 5.81
CA ILE B 98 -15.27 7.75 4.46
C ILE B 98 -15.35 9.21 4.05
N VAL B 99 -14.18 9.81 3.82
CA VAL B 99 -14.07 11.16 3.28
C VAL B 99 -13.23 11.07 2.02
N GLU B 100 -13.03 12.19 1.34
CA GLU B 100 -12.27 12.19 0.11
C GLU B 100 -10.91 11.54 0.34
N TRP B 101 -10.54 10.65 -0.58
CA TRP B 101 -9.32 9.87 -0.57
C TRP B 101 -9.16 9.06 0.71
N SER B 102 -9.95 7.99 0.79
CA SER B 102 -9.92 7.02 1.88
C SER B 102 -9.84 5.60 1.29
N PRO B 103 -8.81 5.30 0.51
CA PRO B 103 -8.79 4.00 -0.20
C PRO B 103 -8.81 2.77 0.70
N ALA B 104 -8.01 2.76 1.77
CA ALA B 104 -8.00 1.61 2.67
C ALA B 104 -9.23 1.59 3.56
N THR B 105 -9.61 2.76 4.09
CA THR B 105 -10.77 2.83 4.94
C THR B 105 -12.00 2.29 4.22
N GLU B 106 -12.12 2.58 2.92
CA GLU B 106 -13.23 2.05 2.14
C GLU B 106 -13.16 0.53 2.01
N ARG B 107 -11.95 -0.02 1.81
CA ARG B 107 -11.82 -1.48 1.65
C ARG B 107 -12.15 -2.22 2.94
N PHE B 108 -11.79 -1.65 4.08
CA PHE B 108 -12.05 -2.27 5.38
C PHE B 108 -13.44 -1.97 5.94
N LEU B 109 -14.24 -1.15 5.27
CA LEU B 109 -15.53 -0.72 5.81
C LEU B 109 -16.47 -1.90 6.07
N ALA B 110 -16.55 -2.87 5.13
CA ALA B 110 -17.50 -3.96 5.34
C ALA B 110 -17.12 -4.79 6.56
N SER B 111 -15.81 -4.92 6.82
CA SER B 111 -15.35 -5.68 7.96
C SER B 111 -15.64 -4.96 9.27
N GLY B 112 -15.83 -3.64 9.21
CA GLY B 112 -16.31 -2.88 10.35
C GLY B 112 -15.25 -2.16 11.14
N HIS B 113 -13.98 -2.36 10.84
CA HIS B 113 -12.94 -1.74 11.66
C HIS B 113 -11.63 -1.74 10.90
N MET B 114 -10.71 -0.89 11.37
CA MET B 114 -9.28 -1.03 11.11
C MET B 114 -8.56 -1.02 12.45
N THR B 115 -7.46 -1.75 12.54
CA THR B 115 -6.71 -1.64 13.77
C THR B 115 -5.95 -0.32 13.79
N VAL B 116 -5.48 0.04 14.99
CA VAL B 116 -4.65 1.23 15.15
C VAL B 116 -3.50 1.23 14.16
N LEU B 117 -2.82 0.08 14.06
CA LEU B 117 -1.64 0.01 13.19
C LEU B 117 -2.03 0.02 11.72
N GLU B 118 -3.12 -0.64 11.34
CA GLU B 118 -3.58 -0.57 9.95
C GLU B 118 -3.86 0.88 9.55
N ALA B 119 -4.56 1.60 10.40
CA ALA B 119 -4.95 2.96 10.05
C ALA B 119 -3.75 3.88 10.03
N ALA B 120 -2.82 3.69 10.95
CA ALA B 120 -1.63 4.52 10.94
C ALA B 120 -0.81 4.27 9.68
N GLN B 121 -0.66 3.00 9.28
CA GLN B 121 0.14 2.74 8.09
C GLN B 121 -0.51 3.30 6.85
N ALA B 122 -1.85 3.21 6.77
CA ALA B 122 -2.55 3.79 5.62
C ALA B 122 -2.46 5.31 5.63
N ALA B 123 -2.57 5.91 6.80
CA ALA B 123 -2.44 7.36 6.88
C ALA B 123 -1.06 7.80 6.40
N VAL B 124 -0.02 7.04 6.72
CA VAL B 124 1.33 7.47 6.38
C VAL B 124 1.66 7.15 4.93
N GLN B 125 1.33 5.93 4.49
CA GLN B 125 1.80 5.44 3.21
C GLN B 125 0.84 5.65 2.06
N LEU B 126 -0.47 5.75 2.33
CA LEU B 126 -1.45 6.09 1.31
C LEU B 126 -2.01 7.50 1.44
N SER B 127 -1.67 8.19 2.52
CA SER B 127 -2.30 9.47 2.91
C SER B 127 -3.82 9.32 3.04
N ASP B 128 -4.29 8.15 3.45
CA ASP B 128 -5.73 7.90 3.62
C ASP B 128 -6.31 8.87 4.65
N ASN B 129 -7.31 9.65 4.23
CA ASN B 129 -7.91 10.68 5.10
C ASN B 129 -8.89 10.09 6.12
N GLY B 130 -9.70 9.11 5.72
CA GLY B 130 -10.56 8.46 6.69
C GLY B 130 -9.79 7.80 7.80
N ALA B 131 -8.67 7.16 7.47
CA ALA B 131 -7.86 6.51 8.49
C ALA B 131 -7.24 7.53 9.42
N THR B 132 -6.84 8.67 8.86
CA THR B 132 -6.36 9.79 9.68
C THR B 132 -7.43 10.23 10.68
N ASN B 133 -8.66 10.43 10.20
CA ASN B 133 -9.74 10.89 11.07
C ASN B 133 -10.09 9.84 12.10
N LEU B 134 -9.98 8.54 11.73
CA LEU B 134 -10.25 7.46 12.67
C LEU B 134 -9.25 7.49 13.82
N LEU B 135 -7.98 7.71 13.48
CA LEU B 135 -6.97 7.86 14.52
C LEU B 135 -7.19 9.11 15.35
N LEU B 136 -7.51 10.24 14.71
CA LEU B 136 -7.77 11.45 15.48
C LEU B 136 -8.89 11.25 16.48
N ARG B 137 -9.95 10.54 16.07
CA ARG B 137 -11.04 10.25 16.98
C ARG B 137 -10.54 9.46 18.18
N GLU B 138 -9.65 8.50 17.93
CA GLU B 138 -9.18 7.62 18.99
C GLU B 138 -8.22 8.31 19.95
N ILE B 139 -7.40 9.25 19.47
CA ILE B 139 -6.32 9.76 20.31
C ILE B 139 -6.60 11.13 20.93
N GLY B 140 -7.73 11.76 20.61
CA GLY B 140 -8.06 13.03 21.25
C GLY B 140 -8.14 14.22 20.32
N GLY B 141 -8.14 13.97 19.01
CA GLY B 141 -8.44 14.99 18.04
C GLY B 141 -7.31 15.98 17.85
N PRO B 142 -7.61 17.08 17.14
CA PRO B 142 -6.58 18.11 16.91
C PRO B 142 -5.91 18.63 18.17
N ALA B 143 -6.65 18.71 19.29
CA ALA B 143 -6.02 19.20 20.51
C ALA B 143 -4.91 18.27 20.97
N ALA B 144 -5.15 16.95 20.89
CA ALA B 144 -4.13 15.99 21.29
C ALA B 144 -2.94 16.00 20.34
N MET B 145 -3.18 16.20 19.04
CA MET B 145 -2.06 16.28 18.10
C MET B 145 -1.17 17.47 18.44
N THR B 146 -1.78 18.64 18.66
CA THR B 146 -1.00 19.83 19.00
C THR B 146 -0.25 19.61 20.30
N GLN B 147 -0.90 18.98 21.27
CA GLN B 147 -0.25 18.67 22.54
C GLN B 147 0.99 17.82 22.34
N TYR B 148 0.93 16.84 21.43
CA TYR B 148 2.09 16.02 21.14
C TYR B 148 3.23 16.84 20.53
N PHE B 149 2.91 17.73 19.58
CA PHE B 149 3.93 18.65 19.10
C PHE B 149 4.63 19.37 20.24
N ARG B 150 3.86 19.98 21.16
CA ARG B 150 4.47 20.71 22.26
C ARG B 150 5.32 19.79 23.12
N LYS B 151 4.86 18.54 23.29
CA LYS B 151 5.55 17.57 24.15
C LYS B 151 6.92 17.21 23.61
N ILE B 152 7.10 17.21 22.30
CA ILE B 152 8.41 16.91 21.71
C ILE B 152 9.20 18.17 21.40
N GLY B 153 8.79 19.32 21.95
CA GLY B 153 9.56 20.54 21.81
C GLY B 153 9.31 21.33 20.55
N ASP B 154 8.19 21.10 19.88
CA ASP B 154 7.76 21.89 18.74
C ASP B 154 6.68 22.84 19.24
N SER B 155 7.01 24.12 19.37
CA SER B 155 6.07 25.12 19.85
C SER B 155 5.31 25.82 18.75
N VAL B 156 5.51 25.40 17.51
CA VAL B 156 5.01 26.09 16.32
C VAL B 156 3.91 25.30 15.64
N SER B 157 4.18 24.03 15.33
CA SER B 157 3.20 23.27 14.56
C SER B 157 1.89 23.15 15.35
N ARG B 158 0.78 23.32 14.64
CA ARG B 158 -0.53 23.24 15.26
C ARG B 158 -1.53 22.58 14.32
N LEU B 159 -2.26 21.59 14.85
CA LEU B 159 -3.40 21.00 14.17
C LEU B 159 -4.68 21.51 14.81
N ASP B 160 -5.56 22.06 13.99
CA ASP B 160 -6.78 22.66 14.46
C ASP B 160 -8.05 21.97 13.98
N ARG B 161 -7.98 21.23 12.87
CA ARG B 161 -9.15 20.65 12.21
C ARG B 161 -8.80 19.25 11.73
N LYS B 162 -9.85 18.47 11.46
CA LYS B 162 -9.69 17.14 10.90
C LYS B 162 -9.64 17.23 9.37
N GLU B 163 -9.57 16.04 8.69
CA GLU B 163 -9.65 15.99 7.23
C GLU B 163 -11.11 16.11 6.78
N PRO B 164 -11.37 16.85 5.69
CA PRO B 164 -10.43 17.49 4.76
C PRO B 164 -10.15 18.94 5.07
N GLU B 165 -10.93 19.53 5.98
CA GLU B 165 -10.90 20.98 6.13
C GLU B 165 -9.55 21.50 6.63
N MET B 166 -8.75 20.65 7.29
CA MET B 166 -7.47 21.16 7.76
C MET B 166 -6.56 21.59 6.62
N GLY B 167 -6.87 21.19 5.39
CA GLY B 167 -6.11 21.58 4.23
C GLY B 167 -6.69 22.69 3.40
N ASP B 168 -7.69 23.43 3.93
CA ASP B 168 -8.28 24.52 3.16
C ASP B 168 -7.24 25.57 2.77
N ASN B 169 -6.25 25.82 3.63
CA ASN B 169 -5.10 26.66 3.29
C ASN B 169 -5.52 28.06 2.84
N THR B 170 -6.40 28.67 3.62
CA THR B 170 -6.82 30.04 3.35
C THR B 170 -5.64 30.98 3.62
N PRO B 171 -5.28 31.84 2.68
CA PRO B 171 -4.15 32.75 2.93
C PRO B 171 -4.31 33.49 4.25
N GLY B 172 -3.24 33.54 5.03
CA GLY B 172 -3.21 34.27 6.28
C GLY B 172 -3.74 33.52 7.48
N ASP B 173 -4.35 32.36 7.28
CA ASP B 173 -4.94 31.60 8.37
C ASP B 173 -3.84 30.91 9.15
N LEU B 174 -3.86 31.09 10.47
CA LEU B 174 -2.86 30.45 11.32
C LEU B 174 -3.15 28.97 11.57
N ARG B 175 -4.39 28.56 11.39
CA ARG B 175 -4.76 27.17 11.66
C ARG B 175 -3.96 26.19 10.80
N ASP B 176 -3.56 25.07 11.42
CA ASP B 176 -3.10 23.90 10.68
C ASP B 176 -1.78 24.19 9.97
N THR B 177 -0.95 25.00 10.60
CA THR B 177 0.30 25.42 9.99
C THR B 177 1.51 24.89 10.76
N THR B 178 2.66 24.98 10.10
CA THR B 178 3.95 24.75 10.73
C THR B 178 4.92 25.70 10.02
N THR B 179 6.20 25.65 10.41
CA THR B 179 7.24 26.30 9.64
C THR B 179 8.23 25.24 9.19
N PRO B 180 8.96 25.46 8.10
CA PRO B 180 9.93 24.42 7.67
C PRO B 180 10.91 24.04 8.75
N ILE B 181 11.43 25.01 9.53
CA ILE B 181 12.43 24.66 10.52
C ILE B 181 11.80 23.89 11.69
N ALA B 182 10.64 24.34 12.17
CA ALA B 182 9.97 23.58 13.23
C ALA B 182 9.73 22.13 12.78
N MET B 183 9.21 21.93 11.58
CA MET B 183 8.85 20.59 11.16
C MET B 183 10.08 19.74 10.88
N ALA B 184 11.13 20.32 10.28
CA ALA B 184 12.34 19.53 10.08
C ALA B 184 12.92 19.07 11.42
N ARG B 185 12.90 19.96 12.42
CA ARG B 185 13.37 19.56 13.75
C ARG B 185 12.48 18.50 14.38
N THR B 186 11.17 18.54 14.12
CA THR B 186 10.28 17.50 14.61
C THR B 186 10.56 16.17 13.92
N VAL B 187 10.83 16.20 12.62
CA VAL B 187 11.24 14.96 11.94
C VAL B 187 12.50 14.40 12.57
N ALA B 188 13.48 15.27 12.81
CA ALA B 188 14.74 14.77 13.37
C ALA B 188 14.53 14.20 14.76
N LYS B 189 13.65 14.83 15.55
CA LYS B 189 13.39 14.33 16.90
C LYS B 189 12.78 12.95 16.87
N VAL B 190 11.87 12.72 15.93
CA VAL B 190 11.18 11.43 15.82
C VAL B 190 12.12 10.35 15.30
N LEU B 191 12.94 10.68 14.31
CA LEU B 191 13.76 9.65 13.67
C LEU B 191 15.12 9.46 14.32
N TYR B 192 15.67 10.52 14.92
CA TYR B 192 17.03 10.47 15.45
C TYR B 192 17.17 10.91 16.90
N GLY B 193 16.18 11.59 17.47
CA GLY B 193 16.30 12.22 18.78
C GLY B 193 15.68 11.47 19.94
N GLY B 194 15.32 10.21 19.74
CA GLY B 194 14.84 9.37 20.82
C GLY B 194 13.41 9.59 21.25
N ALA B 195 12.57 10.23 20.42
CA ALA B 195 11.16 10.38 20.79
C ALA B 195 10.45 9.04 20.87
N LEU B 196 10.95 8.02 20.17
CA LEU B 196 10.30 6.71 20.13
C LEU B 196 11.31 5.63 20.45
N THR B 197 10.81 4.48 20.91
CA THR B 197 11.69 3.35 21.13
C THR B 197 12.38 2.99 19.82
N SER B 198 13.48 2.24 19.95
CA SER B 198 14.21 1.81 18.75
C SER B 198 13.29 1.06 17.80
N THR B 199 12.44 0.17 18.34
CA THR B 199 11.55 -0.62 17.50
C THR B 199 10.56 0.27 16.77
N SER B 200 9.90 1.18 17.49
CA SER B 200 8.92 2.05 16.84
C SER B 200 9.59 3.01 15.85
N THR B 201 10.78 3.50 16.20
CA THR B 201 11.52 4.35 15.28
C THR B 201 11.81 3.63 13.98
N HIS B 202 12.23 2.37 14.07
CA HIS B 202 12.56 1.64 12.86
C HIS B 202 11.32 1.40 12.01
N THR B 203 10.20 1.06 12.65
CA THR B 203 8.97 0.80 11.92
C THR B 203 8.54 2.04 11.13
N ILE B 204 8.50 3.20 11.78
CA ILE B 204 8.04 4.41 11.10
C ILE B 204 9.03 4.83 10.03
N GLU B 205 10.34 4.62 10.25
CA GLU B 205 11.31 4.91 9.21
C GLU B 205 11.04 4.07 7.96
N ARG B 206 10.81 2.77 8.13
CA ARG B 206 10.50 1.93 6.98
C ARG B 206 9.19 2.34 6.31
N TRP B 207 8.20 2.78 7.08
CA TRP B 207 6.97 3.27 6.46
C TRP B 207 7.25 4.47 5.57
N LEU B 208 8.14 5.37 6.01
CA LEU B 208 8.48 6.51 5.18
C LEU B 208 9.18 6.09 3.89
N ILE B 209 10.10 5.13 3.98
CA ILE B 209 10.77 4.65 2.77
C ILE B 209 9.77 4.04 1.81
N GLY B 210 8.87 3.23 2.32
CA GLY B 210 7.87 2.55 1.52
C GLY B 210 6.65 3.37 1.17
N ASN B 211 6.65 4.65 1.49
CA ASN B 211 5.53 5.51 1.14
C ASN B 211 5.17 5.37 -0.33
N GLN B 212 3.87 5.32 -0.60
CA GLN B 212 3.36 5.09 -1.94
C GLN B 212 3.02 6.36 -2.71
N THR B 213 3.11 7.53 -2.08
CA THR B 213 2.61 8.74 -2.69
C THR B 213 3.70 9.71 -3.16
N GLY B 214 4.97 9.36 -2.97
CA GLY B 214 6.04 10.33 -3.17
C GLY B 214 6.97 10.12 -4.34
N ASP B 215 6.57 9.26 -5.26
CA ASP B 215 7.47 8.85 -6.32
C ASP B 215 7.82 10.01 -7.23
N ALA B 216 6.97 11.02 -7.31
CA ALA B 216 7.15 12.13 -8.23
C ALA B 216 7.53 13.43 -7.55
N THR B 217 7.77 13.41 -6.25
CA THR B 217 8.04 14.63 -5.49
C THR B 217 9.51 14.63 -5.06
N LEU B 218 9.85 14.85 -3.78
CA LEU B 218 11.23 15.10 -3.43
C LEU B 218 12.17 13.98 -3.88
N ARG B 219 11.79 12.73 -3.63
CA ARG B 219 12.69 11.62 -3.94
C ARG B 219 13.00 11.53 -5.43
N ALA B 220 12.15 12.10 -6.29
CA ALA B 220 12.43 12.12 -7.72
C ALA B 220 13.57 13.08 -8.05
N GLY B 221 13.87 14.01 -7.16
CA GLY B 221 14.93 14.96 -7.36
C GLY B 221 16.21 14.66 -6.63
N PHE B 222 16.27 13.56 -5.89
CA PHE B 222 17.50 13.14 -5.19
C PHE B 222 18.20 12.03 -5.98
N PRO B 223 19.52 11.90 -5.80
CA PRO B 223 20.23 10.75 -6.42
C PRO B 223 19.63 9.42 -6.00
N LYS B 224 19.65 8.46 -6.91
CA LYS B 224 18.98 7.19 -6.64
C LYS B 224 19.72 6.31 -5.65
N ASP B 225 20.96 6.64 -5.30
CA ASP B 225 21.69 5.94 -4.25
C ASP B 225 21.38 6.46 -2.86
N TRP B 226 20.75 7.64 -2.73
CA TRP B 226 20.42 8.12 -1.39
C TRP B 226 19.27 7.30 -0.84
N VAL B 227 19.35 6.97 0.44
CA VAL B 227 18.20 6.38 1.11
C VAL B 227 17.28 7.52 1.51
N VAL B 228 16.03 7.44 1.09
CA VAL B 228 15.07 8.53 1.29
C VAL B 228 13.77 7.97 1.79
N GLY B 229 13.14 8.67 2.73
CA GLY B 229 11.79 8.34 3.16
C GLY B 229 11.01 9.62 3.39
N GLU B 230 9.72 9.68 3.07
CA GLU B 230 9.06 10.96 3.26
C GLU B 230 7.55 10.80 3.25
N LYS B 231 6.91 11.90 3.65
CA LYS B 231 5.46 12.02 3.69
C LYS B 231 5.06 13.27 2.93
N THR B 232 4.16 13.11 1.97
CA THR B 232 3.71 14.19 1.12
C THR B 232 2.50 14.92 1.72
N GLY B 233 2.20 16.05 1.13
CA GLY B 233 0.95 16.74 1.44
C GLY B 233 0.50 17.55 0.24
N THR B 234 -0.82 17.70 0.12
CA THR B 234 -1.43 18.56 -0.89
C THR B 234 -2.57 19.31 -0.23
N CYS B 235 -2.63 20.63 -0.45
CA CYS B 235 -3.67 21.46 0.11
C CYS B 235 -4.34 22.24 -1.01
N ALA B 236 -5.55 22.73 -0.73
CA ALA B 236 -6.19 23.72 -1.59
C ALA B 236 -5.31 24.95 -1.72
N ASN B 237 -5.57 25.74 -2.75
CA ASN B 237 -4.84 27.00 -2.98
C ASN B 237 -3.35 26.76 -3.25
N GLY B 238 -3.04 25.60 -3.84
CA GLY B 238 -1.73 25.38 -4.40
C GLY B 238 -0.67 24.86 -3.46
N GLY B 239 -1.04 24.27 -2.32
CA GLY B 239 -0.04 23.76 -1.39
C GLY B 239 0.44 22.36 -1.79
N ARG B 240 1.75 22.16 -1.79
CA ARG B 240 2.32 20.86 -2.14
C ARG B 240 3.61 20.71 -1.35
N ASN B 241 3.66 19.70 -0.48
CA ASN B 241 4.71 19.61 0.52
C ASN B 241 5.31 18.20 0.53
N ASP B 242 6.48 18.07 1.15
CA ASP B 242 7.10 16.76 1.30
C ASP B 242 8.11 16.88 2.43
N ILE B 243 7.99 16.05 3.46
CA ILE B 243 8.88 16.06 4.61
C ILE B 243 9.43 14.65 4.85
N GLY B 244 10.64 14.58 5.41
CA GLY B 244 11.24 13.26 5.66
C GLY B 244 12.72 13.32 5.94
N PHE B 245 13.45 12.31 5.46
CA PHE B 245 14.88 12.22 5.73
C PHE B 245 15.59 11.72 4.48
N PHE B 246 16.89 11.95 4.43
CA PHE B 246 17.72 11.28 3.45
C PHE B 246 19.08 10.98 4.08
N LYS B 247 19.73 9.95 3.55
CA LYS B 247 21.07 9.54 3.97
C LYS B 247 21.97 9.62 2.74
N ALA B 248 23.03 10.41 2.86
CA ALA B 248 23.94 10.68 1.76
C ALA B 248 25.33 10.90 2.31
N GLN B 249 26.33 10.33 1.65
CA GLN B 249 27.73 10.49 2.07
C GLN B 249 27.92 10.09 3.54
N GLU B 250 27.24 9.03 3.95
CA GLU B 250 27.37 8.47 5.29
C GLU B 250 26.92 9.45 6.37
N ARG B 251 25.99 10.33 6.01
CA ARG B 251 25.43 11.32 6.92
C ARG B 251 23.92 11.29 6.77
N ASP B 252 23.21 11.57 7.86
CA ASP B 252 21.75 11.56 7.87
C ASP B 252 21.24 12.99 7.99
N TYR B 253 20.12 13.24 7.36
CA TYR B 253 19.53 14.56 7.39
C TYR B 253 18.01 14.44 7.51
N ALA B 254 17.40 15.44 8.15
CA ALA B 254 15.96 15.64 8.15
C ALA B 254 15.63 16.86 7.29
N VAL B 255 14.54 16.78 6.54
CA VAL B 255 14.20 17.82 5.58
C VAL B 255 12.70 18.06 5.59
N ALA B 256 12.32 19.32 5.46
CA ALA B 256 10.93 19.72 5.30
C ALA B 256 10.85 20.70 4.14
N VAL B 257 9.98 20.41 3.16
CA VAL B 257 9.76 21.26 2.00
C VAL B 257 8.27 21.57 1.95
N TYR B 258 7.93 22.86 1.97
CA TYR B 258 6.55 23.35 1.83
C TYR B 258 6.52 24.32 0.66
N THR B 259 5.61 24.12 -0.28
CA THR B 259 5.50 25.05 -1.40
C THR B 259 4.05 25.50 -1.58
N THR B 260 3.90 26.71 -2.10
CA THR B 260 2.59 27.28 -2.46
C THR B 260 2.68 27.79 -3.88
N ALA B 261 1.89 27.22 -4.79
CA ALA B 261 1.93 27.56 -6.20
C ALA B 261 0.51 27.51 -6.77
N PRO B 262 -0.28 28.56 -6.54
CA PRO B 262 -1.71 28.49 -6.88
C PRO B 262 -2.02 28.33 -8.36
N LYS B 263 -1.11 28.75 -9.25
CA LYS B 263 -1.39 28.74 -10.67
C LYS B 263 -0.82 27.55 -11.41
N LEU B 264 -0.03 26.72 -10.74
CA LEU B 264 0.51 25.55 -11.40
C LEU B 264 -0.51 24.42 -11.40
N SER B 265 -0.37 23.51 -12.36
CA SER B 265 -1.14 22.30 -12.35
C SER B 265 -0.59 21.35 -11.29
N ALA B 266 -1.39 20.32 -10.97
CA ALA B 266 -0.96 19.34 -9.98
C ALA B 266 0.37 18.70 -10.38
N VAL B 267 0.50 18.30 -11.65
CA VAL B 267 1.75 17.68 -12.10
C VAL B 267 2.89 18.68 -12.05
N GLU B 268 2.62 19.95 -12.39
CA GLU B 268 3.67 20.97 -12.30
C GLU B 268 4.11 21.21 -10.86
N ARG B 269 3.19 21.06 -9.89
CA ARG B 269 3.59 21.15 -8.50
C ARG B 269 4.48 20.00 -8.07
N ASP B 270 4.18 18.78 -8.55
CA ASP B 270 5.07 17.66 -8.33
C ASP B 270 6.46 17.98 -8.87
N GLU B 271 6.52 18.45 -10.11
CA GLU B 271 7.79 18.79 -10.74
C GLU B 271 8.53 19.85 -9.94
N LEU B 272 7.78 20.80 -9.36
CA LEU B 272 8.41 21.85 -8.56
C LEU B 272 9.13 21.27 -7.35
N VAL B 273 8.46 20.37 -6.63
CA VAL B 273 9.06 19.79 -5.45
C VAL B 273 10.28 18.94 -5.83
N ALA B 274 10.19 18.21 -6.94
CA ALA B 274 11.35 17.45 -7.43
C ALA B 274 12.49 18.38 -7.78
N SER B 275 12.18 19.54 -8.40
CA SER B 275 13.21 20.51 -8.74
C SER B 275 13.86 21.06 -7.47
N VAL B 276 13.06 21.29 -6.42
CA VAL B 276 13.65 21.66 -5.12
C VAL B 276 14.59 20.56 -4.64
N GLY B 277 14.19 19.30 -4.82
CA GLY B 277 15.08 18.20 -4.50
C GLY B 277 16.42 18.30 -5.22
N GLN B 278 16.39 18.69 -6.50
CA GLN B 278 17.62 18.85 -7.27
C GLN B 278 18.48 19.97 -6.70
N VAL B 279 17.85 21.06 -6.27
CA VAL B 279 18.62 22.17 -5.72
C VAL B 279 19.24 21.77 -4.39
N ILE B 280 18.48 21.02 -3.57
CA ILE B 280 19.03 20.45 -2.34
C ILE B 280 20.23 19.57 -2.65
N THR B 281 20.09 18.71 -3.65
CA THR B 281 21.19 17.80 -3.98
C THR B 281 22.47 18.57 -4.26
N GLN B 282 22.38 19.63 -5.05
CA GLN B 282 23.58 20.37 -5.43
C GLN B 282 24.24 21.01 -4.22
N LEU B 283 23.44 21.41 -3.22
CA LEU B 283 23.99 21.93 -1.98
C LEU B 283 24.69 20.84 -1.17
N ILE B 284 24.02 19.69 -0.99
CA ILE B 284 24.58 18.62 -0.19
C ILE B 284 25.89 18.10 -0.81
N LEU B 285 25.93 17.98 -2.13
CA LEU B 285 27.12 17.45 -2.78
C LEU B 285 28.20 18.50 -2.99
N SER B 286 27.92 19.76 -2.66
CA SER B 286 28.85 20.85 -2.90
C SER B 286 30.16 20.64 -2.16
#